data_8CN6
#
_entry.id   8CN6
#
_cell.length_a   30.94
_cell.length_b   85.88
_cell.length_c   96.57
_cell.angle_alpha   90
_cell.angle_beta   90.03
_cell.angle_gamma   90
#
_symmetry.space_group_name_H-M   'P 1 21 1'
#
loop_
_entity.id
_entity.type
_entity.pdbx_description
1 polymer 'CD59 glycoprotein'
2 polymer 'Cyclic peptide CP-06'
3 non-polymer 'ZINC ION'
4 water water
#
loop_
_entity_poly.entity_id
_entity_poly.type
_entity_poly.pdbx_seq_one_letter_code
_entity_poly.pdbx_strand_id
1 'polypeptide(L)' MLQCYNCPNPTADCKTAVNCSSDFDACLITKAGLQVYNKCWKFEHCNFNDVTTRLRENELTYYCCKKDLCNFNEQLE A,B,C,D,E,F
2 'polypeptide(L)' (ACE)YSWTWGN(DAR)(DSN)(DSN)V(DAR)G(DCY)(NH2) J,G,H
#
loop_
_chem_comp.id
_chem_comp.type
_chem_comp.name
_chem_comp.formula
ACE non-polymer 'ACETYL GROUP' 'C2 H4 O'
NH2 non-polymer 'AMINO GROUP' 'H2 N'
ZN non-polymer 'ZINC ION' 'Zn 2'
#
# COMPACT_ATOMS: atom_id res chain seq x y z
N MET A 1 0.71 5.16 2.75
CA MET A 1 0.12 4.18 1.79
C MET A 1 0.28 2.75 2.29
N LEU A 2 -0.32 1.79 1.60
CA LEU A 2 -0.22 0.37 1.91
C LEU A 2 0.92 -0.31 1.16
N GLN A 3 1.72 -1.01 1.97
CA GLN A 3 2.99 -1.58 1.54
C GLN A 3 2.89 -3.10 1.41
N CYS A 4 3.10 -3.62 0.20
CA CYS A 4 2.97 -5.02 -0.12
C CYS A 4 4.25 -5.53 -0.74
N TYR A 5 4.52 -6.84 -0.57
CA TYR A 5 5.47 -7.51 -1.42
C TYR A 5 4.82 -7.55 -2.79
N ASN A 6 5.59 -7.12 -3.82
CA ASN A 6 5.05 -6.96 -5.14
C ASN A 6 6.15 -7.24 -6.16
N CYS A 7 6.10 -8.42 -6.77
CA CYS A 7 7.10 -8.80 -7.76
C CYS A 7 6.42 -8.92 -9.11
N PRO A 8 6.86 -8.13 -10.12
CA PRO A 8 6.34 -8.21 -11.48
C PRO A 8 6.11 -9.64 -11.95
N ASN A 9 7.00 -10.56 -11.53
CA ASN A 9 6.89 -11.95 -11.95
C ASN A 9 6.91 -12.91 -10.77
N PRO A 10 6.25 -14.08 -10.89
CA PRO A 10 6.25 -15.09 -9.84
C PRO A 10 7.67 -15.38 -9.37
N THR A 11 7.89 -15.47 -8.06
CA THR A 11 9.21 -15.77 -7.52
C THR A 11 9.06 -16.68 -6.31
N ALA A 12 10.07 -17.55 -6.14
CA ALA A 12 10.13 -18.48 -5.04
C ALA A 12 10.17 -17.73 -3.71
N ASP A 13 10.83 -16.58 -3.62
CA ASP A 13 10.69 -15.71 -2.46
C ASP A 13 10.99 -14.28 -2.84
N CYS A 14 9.92 -13.54 -3.17
CA CYS A 14 9.88 -12.11 -3.38
C CYS A 14 10.10 -11.37 -2.07
N LYS A 15 11.08 -10.46 -2.07
CA LYS A 15 11.30 -9.59 -0.92
C LYS A 15 11.34 -8.14 -1.41
N THR A 16 10.70 -7.88 -2.55
CA THR A 16 10.60 -6.55 -3.12
C THR A 16 9.37 -5.87 -2.53
N ALA A 17 9.58 -4.81 -1.74
CA ALA A 17 8.46 -4.18 -1.04
C ALA A 17 8.13 -2.88 -1.74
N VAL A 18 6.86 -2.60 -2.00
CA VAL A 18 6.51 -1.33 -2.61
C VAL A 18 5.42 -0.62 -1.82
N ASN A 19 5.35 0.71 -1.91
CA ASN A 19 4.11 1.43 -1.67
C ASN A 19 3.14 1.24 -2.84
N CYS A 20 2.14 0.38 -2.66
CA CYS A 20 1.05 0.27 -3.62
C CYS A 20 0.38 1.63 -3.75
N SER A 21 0.00 2.00 -4.99
CA SER A 21 -0.76 3.23 -5.18
C SER A 21 -2.16 3.11 -4.57
N SER A 22 -2.82 4.27 -4.37
CA SER A 22 -4.12 4.38 -3.71
C SER A 22 -5.22 3.49 -4.26
N ASP A 23 -5.13 3.22 -5.57
CA ASP A 23 -6.06 2.32 -6.27
C ASP A 23 -6.10 0.93 -5.62
N PHE A 24 -4.98 0.52 -4.99
CA PHE A 24 -4.89 -0.81 -4.42
C PHE A 24 -4.99 -0.71 -2.89
N ASP A 25 -5.87 -1.54 -2.33
CA ASP A 25 -6.19 -1.46 -0.91
C ASP A 25 -5.80 -2.74 -0.17
N ALA A 26 -5.21 -3.74 -0.86
CA ALA A 26 -4.80 -4.97 -0.21
C ALA A 26 -3.55 -5.56 -0.85
N CYS A 27 -2.91 -6.48 -0.09
CA CYS A 27 -1.77 -7.25 -0.52
C CYS A 27 -2.23 -8.68 -0.76
N LEU A 28 -1.90 -9.27 -1.92
CA LEU A 28 -2.18 -10.67 -2.26
C LEU A 28 -0.97 -11.58 -2.16
N ILE A 29 -1.17 -12.83 -1.76
CA ILE A 29 -0.19 -13.84 -2.10
C ILE A 29 -0.95 -15.07 -2.57
N THR A 30 -0.40 -15.80 -3.56
CA THR A 30 -1.08 -17.02 -4.01
C THR A 30 -0.10 -18.00 -4.61
N LYS A 31 -0.24 -19.27 -4.22
CA LYS A 31 0.47 -20.37 -4.83
C LYS A 31 -0.44 -21.01 -5.87
N ALA A 32 0.10 -21.17 -7.06
CA ALA A 32 -0.55 -21.95 -8.11
C ALA A 32 0.45 -23.01 -8.55
N GLY A 33 0.24 -24.25 -8.13
CA GLY A 33 1.27 -25.27 -8.26
C GLY A 33 2.49 -24.78 -7.48
N LEU A 34 3.68 -24.87 -8.08
CA LEU A 34 4.90 -24.44 -7.41
C LEU A 34 5.12 -22.95 -7.57
N GLN A 35 4.28 -22.28 -8.38
CA GLN A 35 4.49 -20.87 -8.67
C GLN A 35 3.80 -19.99 -7.63
N VAL A 36 4.40 -18.84 -7.33
CA VAL A 36 3.98 -17.98 -6.23
C VAL A 36 3.90 -16.54 -6.71
N TYR A 37 2.80 -15.89 -6.43
CA TYR A 37 2.63 -14.52 -6.86
C TYR A 37 2.48 -13.64 -5.62
N ASN A 38 3.01 -12.42 -5.69
CA ASN A 38 2.90 -11.47 -4.59
C ASN A 38 2.63 -10.13 -5.20
N LYS A 39 1.51 -9.50 -4.86
CA LYS A 39 1.00 -8.36 -5.61
C LYS A 39 0.23 -7.40 -4.73
N CYS A 40 0.34 -6.13 -5.06
CA CYS A 40 -0.68 -5.12 -4.82
C CYS A 40 -1.99 -5.59 -5.44
N TRP A 41 -3.10 -5.40 -4.74
CA TRP A 41 -4.37 -5.95 -5.16
C TRP A 41 -5.52 -5.14 -4.56
N LYS A 42 -6.74 -5.41 -5.07
CA LYS A 42 -7.99 -4.89 -4.57
C LYS A 42 -8.78 -5.99 -3.85
N PHE A 43 -9.16 -5.72 -2.60
CA PHE A 43 -9.91 -6.62 -1.75
C PHE A 43 -11.19 -7.11 -2.42
N GLU A 44 -11.95 -6.22 -3.09
CA GLU A 44 -13.16 -6.66 -3.78
C GLU A 44 -12.83 -7.87 -4.64
N HIS A 45 -11.66 -7.88 -5.29
CA HIS A 45 -11.40 -8.80 -6.40
C HIS A 45 -10.46 -9.91 -5.84
N CYS A 46 -10.40 -10.13 -4.49
CA CYS A 46 -9.64 -11.25 -3.90
C CYS A 46 -10.48 -12.53 -3.71
N ASN A 47 -10.60 -13.37 -4.73
CA ASN A 47 -11.37 -14.59 -4.62
C ASN A 47 -10.94 -15.52 -5.74
N PHE A 48 -11.38 -16.77 -5.70
CA PHE A 48 -10.82 -17.73 -6.62
C PHE A 48 -11.02 -17.30 -8.08
N ASN A 49 -12.24 -16.82 -8.41
CA ASN A 49 -12.57 -16.45 -9.76
C ASN A 49 -11.72 -15.28 -10.22
N ASP A 50 -11.69 -14.20 -9.43
CA ASP A 50 -11.02 -12.97 -9.84
C ASP A 50 -9.52 -13.26 -10.00
N VAL A 51 -8.92 -13.99 -9.04
CA VAL A 51 -7.49 -14.22 -9.01
C VAL A 51 -7.09 -15.16 -10.14
N THR A 52 -7.83 -16.27 -10.35
CA THR A 52 -7.49 -17.21 -11.41
C THR A 52 -7.53 -16.50 -12.76
N THR A 53 -8.63 -15.79 -13.06
CA THR A 53 -8.70 -15.17 -14.38
C THR A 53 -7.60 -14.10 -14.53
N ARG A 54 -7.40 -13.24 -13.52
CA ARG A 54 -6.51 -12.10 -13.70
C ARG A 54 -5.05 -12.55 -13.85
N LEU A 55 -4.69 -13.72 -13.28
CA LEU A 55 -3.33 -14.22 -13.38
C LEU A 55 -3.21 -15.42 -14.32
N ARG A 56 -4.30 -15.78 -15.03
CA ARG A 56 -4.25 -16.84 -16.01
C ARG A 56 -3.76 -18.14 -15.37
N GLU A 57 -4.51 -18.63 -14.39
CA GLU A 57 -4.15 -19.82 -13.64
C GLU A 57 -5.40 -20.64 -13.32
N ASN A 58 -5.25 -21.96 -13.31
CA ASN A 58 -6.35 -22.88 -13.14
C ASN A 58 -6.65 -23.21 -11.67
N GLU A 59 -5.62 -23.36 -10.83
CA GLU A 59 -5.75 -24.00 -9.53
C GLU A 59 -4.77 -23.32 -8.58
N LEU A 60 -5.29 -22.72 -7.50
CA LEU A 60 -4.44 -21.95 -6.59
C LEU A 60 -5.13 -21.79 -5.24
N THR A 61 -4.31 -21.45 -4.24
CA THR A 61 -4.83 -20.96 -2.97
C THR A 61 -4.32 -19.53 -2.80
N TYR A 62 -5.06 -18.70 -2.09
CA TYR A 62 -4.71 -17.29 -2.02
C TYR A 62 -4.96 -16.77 -0.63
N TYR A 63 -4.23 -15.71 -0.32
CA TYR A 63 -4.48 -14.97 0.88
C TYR A 63 -4.34 -13.50 0.58
N CYS A 64 -5.22 -12.72 1.18
CA CYS A 64 -5.15 -11.27 1.09
C CYS A 64 -5.36 -10.61 2.45
N CYS A 65 -4.70 -9.48 2.59
CA CYS A 65 -4.75 -8.76 3.83
C CYS A 65 -4.40 -7.31 3.60
N LYS A 66 -4.65 -6.50 4.66
CA LYS A 66 -4.48 -5.06 4.55
C LYS A 66 -3.49 -4.48 5.58
N LYS A 67 -2.52 -5.25 6.05
CA LYS A 67 -1.50 -4.72 6.95
C LYS A 67 -0.19 -4.69 6.16
N ASP A 68 0.73 -3.78 6.50
CA ASP A 68 1.96 -3.63 5.74
C ASP A 68 2.74 -4.94 5.68
N LEU A 69 3.13 -5.35 4.48
CA LEU A 69 4.08 -6.44 4.28
C LEU A 69 3.51 -7.75 4.79
N CYS A 70 2.18 -7.92 4.71
CA CYS A 70 1.54 -9.09 5.29
C CYS A 70 1.48 -10.26 4.32
N ASN A 71 1.69 -10.00 3.02
CA ASN A 71 1.54 -11.02 1.99
C ASN A 71 2.86 -11.80 1.82
N PHE A 72 3.31 -12.49 2.89
CA PHE A 72 4.53 -13.27 2.87
C PHE A 72 4.13 -14.73 2.72
N ASN A 73 5.11 -15.58 2.33
CA ASN A 73 4.82 -16.91 1.83
C ASN A 73 4.25 -17.81 2.92
N GLU A 74 4.75 -17.67 4.15
CA GLU A 74 4.29 -18.50 5.25
C GLU A 74 2.82 -18.27 5.60
N GLN A 75 2.16 -17.29 4.99
CA GLN A 75 0.73 -17.13 5.21
C GLN A 75 -0.11 -18.26 4.63
N LEU A 76 0.42 -18.99 3.66
CA LEU A 76 -0.23 -20.16 3.07
C LEU A 76 0.47 -21.42 3.59
N GLU A 77 0.04 -21.89 4.77
CA GLU A 77 0.75 -22.92 5.53
C GLU A 77 2.26 -22.62 5.56
N MET B 1 1.16 -3.22 -20.29
CA MET B 1 1.60 -1.84 -19.90
C MET B 1 2.51 -1.94 -18.68
N LEU B 2 3.28 -0.88 -18.44
CA LEU B 2 4.45 -0.95 -17.58
C LEU B 2 4.24 -0.42 -16.15
N GLN B 3 4.94 -1.04 -15.19
CA GLN B 3 4.98 -0.65 -13.80
C GLN B 3 6.33 0.00 -13.48
N CYS B 4 6.31 1.27 -13.02
CA CYS B 4 7.52 1.98 -12.64
C CYS B 4 7.40 2.48 -11.22
N TYR B 5 8.54 2.69 -10.55
CA TYR B 5 8.56 3.57 -9.40
C TYR B 5 8.22 4.96 -9.91
N ASN B 6 7.30 5.63 -9.22
CA ASN B 6 6.81 6.93 -9.66
C ASN B 6 6.39 7.77 -8.44
N CYS B 7 7.22 8.77 -8.09
CA CYS B 7 6.93 9.65 -6.98
C CYS B 7 6.66 11.05 -7.48
N PRO B 8 5.48 11.61 -7.15
CA PRO B 8 5.13 12.97 -7.61
C PRO B 8 6.27 13.97 -7.40
N ASN B 9 7.05 13.78 -6.33
CA ASN B 9 8.12 14.70 -5.97
C ASN B 9 9.40 13.96 -5.72
N PRO B 10 10.57 14.63 -5.89
CA PRO B 10 11.86 14.03 -5.55
C PRO B 10 11.85 13.47 -4.15
N THR B 11 12.35 12.23 -3.97
CA THR B 11 12.47 11.65 -2.64
C THR B 11 13.72 10.78 -2.62
N ALA B 12 14.36 10.75 -1.45
CA ALA B 12 15.58 9.97 -1.24
C ALA B 12 15.28 8.48 -1.42
N ASP B 13 14.09 8.00 -1.04
CA ASP B 13 13.77 6.59 -1.30
C ASP B 13 12.29 6.41 -1.66
N CYS B 14 12.02 6.50 -2.95
CA CYS B 14 10.71 6.26 -3.54
C CYS B 14 10.54 4.76 -3.65
N LYS B 15 9.44 4.25 -3.09
CA LYS B 15 9.11 2.85 -3.25
C LYS B 15 7.72 2.70 -3.83
N THR B 16 7.14 3.78 -4.35
CA THR B 16 5.75 3.85 -4.78
C THR B 16 5.64 3.31 -6.20
N ALA B 17 4.87 2.22 -6.38
CA ALA B 17 4.80 1.58 -7.69
C ALA B 17 3.51 2.00 -8.39
N VAL B 18 3.59 2.33 -9.68
CA VAL B 18 2.43 2.81 -10.41
C VAL B 18 2.30 2.01 -11.71
N ASN B 19 1.05 1.74 -12.10
CA ASN B 19 0.78 1.27 -13.46
C ASN B 19 0.79 2.47 -14.39
N CYS B 20 1.93 2.70 -15.08
CA CYS B 20 2.05 3.79 -16.01
C CYS B 20 1.00 3.59 -17.09
N SER B 21 0.31 4.70 -17.46
CA SER B 21 -0.65 4.62 -18.55
C SER B 21 0.10 4.44 -19.87
N SER B 22 -0.63 4.06 -20.93
CA SER B 22 -0.03 3.57 -22.17
C SER B 22 0.72 4.68 -22.91
N ASP B 23 0.46 5.95 -22.58
CA ASP B 23 1.28 7.07 -23.04
C ASP B 23 2.77 6.90 -22.69
N PHE B 24 3.08 6.16 -21.63
CA PHE B 24 4.45 5.99 -21.15
C PHE B 24 4.93 4.56 -21.43
N ASP B 25 6.16 4.42 -21.91
CA ASP B 25 6.69 3.12 -22.31
C ASP B 25 7.99 2.80 -21.56
N ALA B 26 8.46 3.67 -20.66
CA ALA B 26 9.71 3.43 -19.94
C ALA B 26 9.64 3.97 -18.52
N CYS B 27 10.57 3.48 -17.70
CA CYS B 27 10.76 3.91 -16.33
C CYS B 27 12.07 4.70 -16.28
N LEU B 28 12.05 5.91 -15.73
CA LEU B 28 13.23 6.73 -15.49
C LEU B 28 13.70 6.76 -14.03
N ILE B 29 14.99 6.88 -13.79
CA ILE B 29 15.44 7.38 -12.53
C ILE B 29 16.56 8.36 -12.80
N THR B 30 16.64 9.44 -12.00
CA THR B 30 17.71 10.41 -12.17
C THR B 30 18.04 11.12 -10.87
N LYS B 31 19.33 11.32 -10.65
CA LYS B 31 19.86 12.04 -9.52
C LYS B 31 20.29 13.39 -10.07
N ALA B 32 19.83 14.48 -9.45
CA ALA B 32 20.35 15.81 -9.72
C ALA B 32 20.80 16.38 -8.38
N GLY B 33 22.12 16.40 -8.15
CA GLY B 33 22.63 16.66 -6.82
C GLY B 33 22.04 15.64 -5.85
N LEU B 34 21.50 16.10 -4.72
CA LEU B 34 20.92 15.20 -3.75
C LEU B 34 19.48 14.81 -4.10
N GLN B 35 18.90 15.47 -5.11
CA GLN B 35 17.51 15.21 -5.46
C GLN B 35 17.37 14.05 -6.42
N VAL B 36 16.30 13.25 -6.28
CA VAL B 36 16.19 11.94 -6.90
C VAL B 36 14.78 11.78 -7.44
N TYR B 37 14.69 11.44 -8.72
CA TYR B 37 13.40 11.40 -9.36
C TYR B 37 13.20 9.98 -9.82
N ASN B 38 11.94 9.55 -9.79
CA ASN B 38 11.58 8.24 -10.27
C ASN B 38 10.25 8.46 -10.95
N LYS B 39 10.17 8.15 -12.25
CA LYS B 39 9.00 8.53 -13.04
C LYS B 39 8.71 7.52 -14.12
N CYS B 40 7.40 7.33 -14.37
CA CYS B 40 6.91 6.92 -15.67
C CYS B 40 7.41 7.91 -16.72
N TRP B 41 7.83 7.40 -17.87
CA TRP B 41 8.51 8.25 -18.84
C TRP B 41 8.36 7.65 -20.23
N LYS B 42 8.74 8.44 -21.24
CA LYS B 42 8.77 7.99 -22.62
C LYS B 42 10.22 7.87 -23.05
N PHE B 43 10.56 6.72 -23.65
CA PHE B 43 11.89 6.48 -24.20
C PHE B 43 12.34 7.56 -25.20
N GLU B 44 11.43 8.05 -26.08
CA GLU B 44 11.79 9.15 -26.98
C GLU B 44 12.45 10.26 -26.16
N HIS B 45 11.92 10.55 -24.94
CA HIS B 45 12.21 11.82 -24.26
C HIS B 45 13.26 11.47 -23.15
N CYS B 46 13.97 10.30 -23.21
CA CYS B 46 15.03 9.95 -22.24
C CYS B 46 16.46 10.38 -22.64
N ASN B 47 16.85 11.60 -22.37
CA ASN B 47 18.20 12.06 -22.76
C ASN B 47 18.46 13.33 -21.96
N PHE B 48 19.66 13.82 -21.96
CA PHE B 48 20.02 14.89 -21.04
C PHE B 48 19.12 16.11 -21.26
N ASN B 49 18.91 16.49 -22.53
CA ASN B 49 18.12 17.67 -22.87
C ASN B 49 16.69 17.49 -22.37
N ASP B 50 16.03 16.40 -22.76
CA ASP B 50 14.62 16.23 -22.45
C ASP B 50 14.42 16.14 -20.91
N VAL B 51 15.29 15.40 -20.21
CA VAL B 51 15.17 15.17 -18.78
C VAL B 51 15.42 16.45 -18.01
N THR B 52 16.51 17.18 -18.36
CA THR B 52 16.84 18.41 -17.65
C THR B 52 15.71 19.41 -17.80
N THR B 53 15.24 19.65 -19.04
CA THR B 53 14.22 20.69 -19.21
C THR B 53 12.93 20.24 -18.50
N ARG B 54 12.50 18.97 -18.65
CA ARG B 54 11.20 18.57 -18.12
C ARG B 54 11.18 18.61 -16.57
N LEU B 55 12.33 18.46 -15.92
CA LEU B 55 12.39 18.47 -14.46
C LEU B 55 13.02 19.77 -13.95
N ARG B 56 13.38 20.71 -14.81
CA ARG B 56 13.96 21.98 -14.41
C ARG B 56 15.21 21.73 -13.57
N GLU B 57 16.19 21.04 -14.16
CA GLU B 57 17.41 20.66 -13.47
C GLU B 57 18.63 20.85 -14.37
N ASN B 58 19.71 21.34 -13.76
CA ASN B 58 20.88 21.79 -14.50
C ASN B 58 21.89 20.68 -14.72
N GLU B 59 22.09 19.81 -13.72
CA GLU B 59 23.12 18.78 -13.72
C GLU B 59 22.52 17.47 -13.18
N LEU B 60 22.54 16.41 -14.00
CA LEU B 60 22.01 15.14 -13.51
C LEU B 60 22.57 13.97 -14.29
N THR B 61 22.37 12.79 -13.73
CA THR B 61 22.56 11.53 -14.39
C THR B 61 21.22 10.85 -14.48
N TYR B 62 20.96 10.07 -15.52
CA TYR B 62 19.67 9.45 -15.70
C TYR B 62 19.86 8.03 -16.22
N TYR B 63 18.85 7.23 -15.93
CA TYR B 63 18.83 5.89 -16.45
C TYR B 63 17.37 5.55 -16.71
N CYS B 64 17.13 4.89 -17.83
CA CYS B 64 15.83 4.48 -18.27
C CYS B 64 15.87 3.05 -18.80
N CYS B 65 14.71 2.40 -18.70
CA CYS B 65 14.61 0.99 -18.97
C CYS B 65 13.13 0.63 -19.06
N LYS B 66 12.85 -0.56 -19.59
CA LYS B 66 11.50 -0.92 -20.01
C LYS B 66 11.01 -2.22 -19.36
N LYS B 67 11.65 -2.71 -18.29
CA LYS B 67 11.11 -3.83 -17.50
C LYS B 67 10.44 -3.30 -16.24
N ASP B 68 9.43 -4.02 -15.72
CA ASP B 68 8.69 -3.56 -14.56
C ASP B 68 9.63 -3.24 -13.38
N LEU B 69 9.47 -2.03 -12.81
CA LEU B 69 10.08 -1.68 -11.55
C LEU B 69 11.61 -1.68 -11.67
N CYS B 70 12.11 -1.34 -12.84
CA CYS B 70 13.55 -1.39 -13.06
C CYS B 70 14.23 -0.07 -12.67
N ASN B 71 13.44 1.01 -12.53
CA ASN B 71 14.02 2.30 -12.17
C ASN B 71 14.23 2.46 -10.66
N PHE B 72 15.03 1.57 -10.03
CA PHE B 72 15.40 1.70 -8.62
C PHE B 72 16.75 2.45 -8.47
N ASN B 73 17.03 2.94 -7.26
CA ASN B 73 18.12 3.88 -7.02
C ASN B 73 19.49 3.30 -7.29
N GLU B 74 19.70 2.01 -7.01
CA GLU B 74 20.98 1.37 -7.24
C GLU B 74 21.35 1.32 -8.73
N GLN B 75 20.43 1.65 -9.62
CA GLN B 75 20.76 1.70 -11.04
C GLN B 75 21.69 2.85 -11.38
N LEU B 76 21.79 3.84 -10.48
CA LEU B 76 22.56 5.08 -10.63
C LEU B 76 22.07 5.91 -11.84
N MET C 1 -26.84 -33.86 -3.22
CA MET C 1 -27.57 -32.70 -2.59
C MET C 1 -26.77 -32.13 -1.43
N LEU C 2 -26.91 -30.82 -1.13
CA LEU C 2 -26.04 -30.21 -0.13
C LEU C 2 -26.74 -30.13 1.24
N GLN C 3 -26.06 -30.71 2.24
CA GLN C 3 -26.49 -30.73 3.62
C GLN C 3 -25.63 -29.75 4.44
N CYS C 4 -26.25 -28.74 5.06
CA CYS C 4 -25.54 -27.80 5.91
C CYS C 4 -26.17 -27.78 7.30
N TYR C 5 -25.38 -27.42 8.32
CA TYR C 5 -25.98 -26.94 9.56
C TYR C 5 -26.66 -25.63 9.20
N ASN C 6 -27.90 -25.48 9.66
CA ASN C 6 -28.73 -24.35 9.31
C ASN C 6 -29.70 -24.07 10.47
N CYS C 7 -29.43 -23.02 11.24
CA CYS C 7 -30.26 -22.65 12.38
C CYS C 7 -30.94 -21.31 12.10
N PRO C 8 -32.28 -21.28 12.14
CA PRO C 8 -33.00 -20.03 11.83
C PRO C 8 -32.47 -18.82 12.58
N ASN C 9 -31.98 -19.02 13.80
CA ASN C 9 -31.34 -17.96 14.57
C ASN C 9 -29.97 -18.36 15.09
N PRO C 10 -29.09 -17.37 15.38
CA PRO C 10 -27.77 -17.64 15.94
C PRO C 10 -27.90 -18.52 17.17
N THR C 11 -27.03 -19.54 17.26
CA THR C 11 -26.99 -20.41 18.43
C THR C 11 -25.54 -20.76 18.72
N ALA C 12 -25.23 -20.91 20.01
CA ALA C 12 -23.88 -21.25 20.44
C ALA C 12 -23.47 -22.61 19.87
N ASP C 13 -24.41 -23.56 19.78
CA ASP C 13 -24.11 -24.84 19.14
C ASP C 13 -25.36 -25.34 18.42
N CYS C 14 -25.40 -25.02 17.11
CA CYS C 14 -26.40 -25.47 16.17
C CYS C 14 -26.21 -26.95 15.87
N LYS C 15 -27.31 -27.71 16.05
CA LYS C 15 -27.28 -29.14 15.77
C LYS C 15 -28.30 -29.50 14.70
N THR C 16 -28.87 -28.50 14.03
CA THR C 16 -29.89 -28.71 13.02
C THR C 16 -29.21 -28.91 11.67
N ALA C 17 -29.31 -30.11 11.09
CA ALA C 17 -28.84 -30.38 9.75
C ALA C 17 -30.00 -30.32 8.77
N VAL C 18 -29.81 -29.67 7.62
CA VAL C 18 -30.89 -29.47 6.66
C VAL C 18 -30.38 -29.88 5.27
N ASN C 19 -31.29 -30.36 4.41
CA ASN C 19 -31.05 -30.43 2.98
C ASN C 19 -31.31 -29.05 2.40
N CYS C 20 -30.24 -28.29 2.15
CA CYS C 20 -30.35 -27.00 1.48
C CYS C 20 -30.96 -27.26 0.11
N SER C 21 -31.87 -26.38 -0.32
CA SER C 21 -32.42 -26.50 -1.67
C SER C 21 -31.33 -26.11 -2.67
N SER C 22 -31.57 -26.47 -3.95
CA SER C 22 -30.53 -26.34 -4.98
C SER C 22 -30.19 -24.88 -5.27
N ASP C 23 -31.05 -23.92 -4.84
CA ASP C 23 -30.73 -22.50 -4.88
C ASP C 23 -29.49 -22.17 -4.04
N PHE C 24 -29.07 -23.01 -3.09
CA PHE C 24 -27.90 -22.76 -2.26
C PHE C 24 -26.80 -23.74 -2.66
N ASP C 25 -25.56 -23.24 -2.79
CA ASP C 25 -24.45 -24.08 -3.22
C ASP C 25 -23.35 -24.18 -2.15
N ALA C 26 -23.55 -23.55 -0.98
CA ALA C 26 -22.53 -23.59 0.06
C ALA C 26 -23.14 -23.59 1.44
N CYS C 27 -22.31 -24.03 2.41
CA CYS C 27 -22.59 -23.94 3.83
C CYS C 27 -21.70 -22.86 4.43
N LEU C 28 -22.30 -21.92 5.18
CA LEU C 28 -21.61 -20.86 5.89
C LEU C 28 -21.51 -21.10 7.39
N ILE C 29 -20.39 -20.70 8.00
CA ILE C 29 -20.43 -20.48 9.42
C ILE C 29 -19.74 -19.18 9.72
N THR C 30 -20.28 -18.40 10.67
CA THR C 30 -19.65 -17.15 11.03
C THR C 30 -19.88 -16.82 12.49
N LYS C 31 -18.80 -16.41 13.14
CA LYS C 31 -18.84 -15.85 14.49
C LYS C 31 -18.85 -14.34 14.35
N ALA C 32 -19.85 -13.72 14.94
CA ALA C 32 -20.00 -12.28 14.97
C ALA C 32 -20.11 -11.86 16.42
N GLY C 33 -19.02 -11.35 16.99
CA GLY C 33 -18.94 -11.20 18.44
C GLY C 33 -19.16 -12.56 19.07
N LEU C 34 -20.03 -12.65 20.06
CA LEU C 34 -20.29 -13.89 20.77
C LEU C 34 -21.33 -14.74 20.01
N GLN C 35 -21.93 -14.17 18.95
CA GLN C 35 -22.98 -14.83 18.23
C GLN C 35 -22.37 -15.76 17.15
N VAL C 36 -23.05 -16.84 16.82
CA VAL C 36 -22.62 -17.81 15.82
C VAL C 36 -23.76 -18.15 14.87
N TYR C 37 -23.49 -18.09 13.58
CA TYR C 37 -24.51 -18.36 12.61
C TYR C 37 -24.06 -19.58 11.81
N ASN C 38 -25.05 -20.38 11.38
CA ASN C 38 -24.78 -21.52 10.54
C ASN C 38 -25.93 -21.54 9.53
N LYS C 39 -25.62 -21.49 8.24
CA LYS C 39 -26.64 -21.25 7.23
C LYS C 39 -26.27 -21.93 5.91
N CYS C 40 -27.32 -22.39 5.22
CA CYS C 40 -27.29 -22.56 3.78
C CYS C 40 -26.96 -21.20 3.17
N TRP C 41 -26.14 -21.18 2.12
CA TRP C 41 -25.66 -19.93 1.56
C TRP C 41 -25.27 -20.12 0.10
N LYS C 42 -25.03 -18.98 -0.57
CA LYS C 42 -24.47 -18.92 -1.92
C LYS C 42 -23.04 -18.42 -1.88
N PHE C 43 -22.13 -19.21 -2.47
CA PHE C 43 -20.71 -18.90 -2.60
C PHE C 43 -20.45 -17.50 -3.18
N GLU C 44 -21.18 -17.09 -4.24
CA GLU C 44 -21.09 -15.75 -4.78
C GLU C 44 -21.06 -14.74 -3.62
N HIS C 45 -21.92 -14.94 -2.60
CA HIS C 45 -22.24 -13.87 -1.65
C HIS C 45 -21.46 -14.22 -0.34
N CYS C 46 -20.41 -15.08 -0.36
CA CYS C 46 -19.58 -15.36 0.84
C CYS C 46 -18.36 -14.45 1.01
N ASN C 47 -18.52 -13.26 1.59
CA ASN C 47 -17.40 -12.35 1.78
C ASN C 47 -17.82 -11.34 2.84
N PHE C 48 -16.91 -10.53 3.32
CA PHE C 48 -17.21 -9.71 4.47
C PHE C 48 -18.45 -8.84 4.25
N ASN C 49 -18.50 -8.18 3.09
CA ASN C 49 -19.57 -7.24 2.77
C ASN C 49 -20.90 -7.99 2.71
N ASP C 50 -20.96 -9.05 1.92
CA ASP C 50 -22.23 -9.72 1.69
C ASP C 50 -22.72 -10.34 3.02
N VAL C 51 -21.84 -10.95 3.82
CA VAL C 51 -22.19 -11.65 5.06
C VAL C 51 -22.63 -10.63 6.11
N THR C 52 -21.89 -9.53 6.30
CA THR C 52 -22.25 -8.54 7.30
C THR C 52 -23.61 -7.94 6.94
N THR C 53 -23.84 -7.50 5.70
CA THR C 53 -25.13 -6.89 5.41
C THR C 53 -26.26 -7.94 5.54
N ARG C 54 -26.09 -9.16 5.03
CA ARG C 54 -27.19 -10.12 4.99
C ARG C 54 -27.56 -10.60 6.40
N LEU C 55 -26.65 -10.53 7.38
CA LEU C 55 -26.97 -10.91 8.75
C LEU C 55 -27.10 -9.71 9.67
N ARG C 56 -26.95 -8.48 9.14
CA ARG C 56 -27.01 -7.28 9.98
C ARG C 56 -26.00 -7.36 11.13
N GLU C 57 -24.72 -7.47 10.79
CA GLU C 57 -23.64 -7.61 11.74
C GLU C 57 -22.42 -6.78 11.33
N ASN C 58 -21.74 -6.20 12.32
CA ASN C 58 -20.68 -5.25 12.08
C ASN C 58 -19.31 -5.91 11.99
N GLU C 59 -19.04 -6.95 12.79
CA GLU C 59 -17.70 -7.51 12.94
C GLU C 59 -17.78 -9.05 13.01
N LEU C 60 -17.12 -9.75 12.08
CA LEU C 60 -17.23 -11.20 12.08
C LEU C 60 -16.12 -11.86 11.29
N THR C 61 -15.98 -13.16 11.52
CA THR C 61 -15.15 -14.01 10.71
C THR C 61 -16.09 -15.05 10.11
N TYR C 62 -15.77 -15.50 8.88
CA TYR C 62 -16.68 -16.40 8.21
C TYR C 62 -15.89 -17.48 7.50
N TYR C 63 -16.59 -18.57 7.28
CA TYR C 63 -16.01 -19.69 6.55
C TYR C 63 -17.12 -20.29 5.74
N CYS C 64 -16.82 -20.58 4.47
CA CYS C 64 -17.75 -21.28 3.60
C CYS C 64 -17.09 -22.44 2.88
N CYS C 65 -17.90 -23.43 2.58
CA CYS C 65 -17.43 -24.67 2.00
C CYS C 65 -18.61 -25.40 1.38
N LYS C 66 -18.37 -26.51 0.66
CA LYS C 66 -19.42 -27.13 -0.11
C LYS C 66 -19.67 -28.60 0.23
N LYS C 67 -18.91 -29.19 1.14
CA LYS C 67 -19.15 -30.58 1.50
C LYS C 67 -20.24 -30.67 2.58
N ASP C 68 -20.92 -31.80 2.62
CA ASP C 68 -22.00 -32.01 3.57
C ASP C 68 -21.52 -31.74 5.02
N LEU C 69 -22.29 -30.91 5.73
CA LEU C 69 -22.16 -30.75 7.17
C LEU C 69 -20.79 -30.19 7.51
N CYS C 70 -20.22 -29.37 6.62
CA CYS C 70 -18.87 -28.88 6.80
C CYS C 70 -18.81 -27.62 7.66
N ASN C 71 -19.95 -26.93 7.82
CA ASN C 71 -19.96 -25.63 8.46
C ASN C 71 -20.14 -25.82 9.97
N PHE C 72 -19.21 -26.51 10.63
CA PHE C 72 -19.22 -26.71 12.09
C PHE C 72 -18.27 -25.68 12.72
N ASN C 73 -18.41 -25.48 14.04
CA ASN C 73 -17.85 -24.32 14.75
C ASN C 73 -16.32 -24.38 14.75
N GLU C 74 -15.73 -25.58 14.88
CA GLU C 74 -14.28 -25.72 14.89
C GLU C 74 -13.63 -25.31 13.57
N GLN C 75 -14.42 -25.00 12.54
CA GLN C 75 -13.83 -24.50 11.31
C GLN C 75 -13.20 -23.11 11.46
N LEU C 76 -13.54 -22.40 12.53
CA LEU C 76 -12.96 -21.10 12.78
C LEU C 76 -11.94 -21.12 13.93
N MET D 1 -25.90 -8.35 15.99
CA MET D 1 -25.88 -7.06 16.71
C MET D 1 -24.71 -6.99 17.71
N LEU D 2 -24.42 -5.78 18.17
CA LEU D 2 -23.41 -5.51 19.16
C LEU D 2 -23.99 -5.53 20.59
N GLN D 3 -23.25 -6.27 21.44
CA GLN D 3 -23.55 -6.47 22.85
C GLN D 3 -22.65 -5.57 23.72
N CYS D 4 -23.26 -4.69 24.52
CA CYS D 4 -22.55 -3.83 25.43
C CYS D 4 -23.05 -4.04 26.86
N TYR D 5 -22.19 -3.78 27.84
CA TYR D 5 -22.70 -3.46 29.17
C TYR D 5 -23.46 -2.14 29.05
N ASN D 6 -24.68 -2.13 29.57
CA ASN D 6 -25.57 -1.01 29.40
C ASN D 6 -26.48 -0.91 30.64
N CYS D 7 -26.18 0.05 31.51
CA CYS D 7 -26.98 0.24 32.73
C CYS D 7 -27.72 1.57 32.66
N PRO D 8 -29.04 1.58 32.72
CA PRO D 8 -29.83 2.82 32.73
C PRO D 8 -29.25 3.90 33.64
N ASN D 9 -28.66 3.47 34.77
CA ASN D 9 -28.04 4.42 35.68
C ASN D 9 -26.59 4.10 35.97
N PRO D 10 -25.74 5.11 36.25
CA PRO D 10 -24.37 4.87 36.64
C PRO D 10 -24.31 3.83 37.78
N THR D 11 -23.38 2.88 37.68
CA THR D 11 -23.19 1.86 38.72
C THR D 11 -21.71 1.54 38.86
N ALA D 12 -21.32 1.19 40.08
CA ALA D 12 -19.96 0.83 40.42
C ALA D 12 -19.57 -0.43 39.66
N ASP D 13 -20.48 -1.37 39.42
CA ASP D 13 -20.17 -2.57 38.65
C ASP D 13 -21.43 -3.02 37.90
N CYS D 14 -21.50 -2.60 36.63
CA CYS D 14 -22.71 -2.76 35.80
C CYS D 14 -23.20 -4.20 35.65
N LYS D 15 -22.59 -4.98 34.73
CA LYS D 15 -22.86 -6.40 34.57
C LYS D 15 -24.18 -6.72 33.89
N THR D 16 -24.96 -5.71 33.51
CA THR D 16 -26.15 -5.88 32.69
C THR D 16 -25.75 -5.84 31.21
N ALA D 17 -25.91 -6.94 30.51
CA ALA D 17 -25.44 -7.05 29.13
C ALA D 17 -26.63 -6.95 28.19
N VAL D 18 -26.57 -6.13 27.14
CA VAL D 18 -27.73 -6.01 26.25
C VAL D 18 -27.28 -6.12 24.79
N ASN D 19 -28.17 -6.56 23.92
CA ASN D 19 -28.06 -6.31 22.50
C ASN D 19 -28.47 -4.86 22.21
N CYS D 20 -27.48 -4.01 21.97
CA CYS D 20 -27.73 -2.68 21.45
C CYS D 20 -28.51 -2.78 20.15
N SER D 21 -29.51 -1.89 19.97
CA SER D 21 -30.23 -1.82 18.71
C SER D 21 -29.32 -1.24 17.62
N SER D 22 -29.70 -1.41 16.34
CA SER D 22 -28.73 -1.34 15.24
C SER D 22 -28.21 0.09 15.02
N ASP D 23 -28.96 1.09 15.51
CA ASP D 23 -28.54 2.48 15.43
C ASP D 23 -27.26 2.71 16.24
N PHE D 24 -26.97 1.82 17.21
CA PHE D 24 -25.82 1.96 18.09
C PHE D 24 -24.76 0.95 17.67
N ASP D 25 -23.56 1.49 17.44
CA ASP D 25 -22.49 0.76 16.79
C ASP D 25 -21.28 0.66 17.72
N ALA D 26 -21.34 1.19 18.95
CA ALA D 26 -20.23 1.08 19.88
C ALA D 26 -20.72 0.97 21.32
N CYS D 27 -19.81 0.50 22.18
CA CYS D 27 -20.00 0.37 23.61
C CYS D 27 -19.12 1.41 24.28
N LEU D 28 -19.70 2.23 25.20
CA LEU D 28 -18.97 3.25 25.94
C LEU D 28 -18.72 2.84 27.40
N ILE D 29 -17.59 3.25 27.97
CA ILE D 29 -17.51 3.32 29.38
C ILE D 29 -16.87 4.64 29.76
N THR D 30 -17.34 5.27 30.85
CA THR D 30 -16.70 6.52 31.27
C THR D 30 -16.85 6.73 32.77
N LYS D 31 -15.75 7.14 33.39
CA LYS D 31 -15.72 7.53 34.79
C LYS D 31 -15.75 9.05 34.82
N ALA D 32 -16.68 9.56 35.63
CA ALA D 32 -16.74 10.99 35.91
C ALA D 32 -16.73 11.12 37.42
N GLY D 33 -15.57 11.51 37.97
CA GLY D 33 -15.37 11.40 39.40
C GLY D 33 -15.52 9.94 39.78
N LEU D 34 -16.27 9.67 40.84
CA LEU D 34 -16.45 8.30 41.32
C LEU D 34 -17.59 7.63 40.58
N GLN D 35 -18.31 8.36 39.72
CA GLN D 35 -19.42 7.76 38.99
C GLN D 35 -18.94 7.12 37.69
N VAL D 36 -19.61 6.04 37.28
CA VAL D 36 -19.20 5.21 36.16
C VAL D 36 -20.43 4.91 35.28
N TYR D 37 -20.28 5.12 33.98
CA TYR D 37 -21.40 4.88 33.09
C TYR D 37 -21.00 3.81 32.10
N ASN D 38 -21.97 2.98 31.68
CA ASN D 38 -21.74 1.93 30.71
C ASN D 38 -22.92 1.94 29.79
N LYS D 39 -22.72 2.13 28.48
CA LYS D 39 -23.83 2.42 27.58
C LYS D 39 -23.54 1.92 26.18
N CYS D 40 -24.61 1.51 25.50
CA CYS D 40 -24.74 1.55 24.06
C CYS D 40 -24.48 2.96 23.60
N TRP D 41 -23.80 3.12 22.47
CA TRP D 41 -23.36 4.43 22.02
C TRP D 41 -23.09 4.40 20.53
N LYS D 42 -22.89 5.59 19.96
CA LYS D 42 -22.48 5.82 18.59
C LYS D 42 -21.03 6.33 18.55
N PHE D 43 -20.20 5.63 17.77
CA PHE D 43 -18.79 5.94 17.60
C PHE D 43 -18.56 7.40 17.18
N GLU D 44 -19.35 7.92 16.23
CA GLU D 44 -19.23 9.32 15.83
C GLU D 44 -19.18 10.19 17.08
N HIS D 45 -19.98 9.87 18.12
CA HIS D 45 -20.28 10.81 19.20
C HIS D 45 -19.45 10.35 20.43
N CYS D 46 -18.36 9.56 20.25
CA CYS D 46 -17.43 9.21 21.35
C CYS D 46 -16.25 10.18 21.52
N ASN D 47 -16.43 11.29 22.25
CA ASN D 47 -15.34 12.23 22.46
C ASN D 47 -15.71 13.10 23.65
N PHE D 48 -14.78 13.92 24.13
CA PHE D 48 -15.00 14.58 25.39
C PHE D 48 -16.27 15.43 25.35
N ASN D 49 -16.45 16.20 24.27
CA ASN D 49 -17.56 17.11 24.12
C ASN D 49 -18.86 16.33 24.09
N ASP D 50 -18.96 15.32 23.21
CA ASP D 50 -20.23 14.63 23.00
C ASP D 50 -20.61 13.90 24.29
N VAL D 51 -19.64 13.25 24.95
CA VAL D 51 -19.89 12.43 26.14
C VAL D 51 -20.28 13.32 27.33
N THR D 52 -19.52 14.41 27.56
CA THR D 52 -19.81 15.31 28.68
C THR D 52 -21.23 15.88 28.51
N THR D 53 -21.56 16.43 27.34
CA THR D 53 -22.86 17.05 27.20
C THR D 53 -23.96 15.98 27.33
N ARG D 54 -23.82 14.82 26.70
CA ARG D 54 -24.93 13.86 26.65
C ARG D 54 -25.20 13.26 28.03
N LEU D 55 -24.18 13.21 28.91
CA LEU D 55 -24.37 12.69 30.25
C LEU D 55 -24.37 13.79 31.31
N ARG D 56 -24.32 15.06 30.92
CA ARG D 56 -24.37 16.17 31.86
C ARG D 56 -23.26 16.05 32.91
N GLU D 57 -22.01 16.09 32.45
CA GLU D 57 -20.85 15.92 33.30
C GLU D 57 -19.71 16.85 32.87
N ASN D 58 -18.94 17.33 33.84
CA ASN D 58 -17.89 18.31 33.59
C ASN D 58 -16.53 17.70 33.25
N GLU D 59 -16.15 16.59 33.87
CA GLU D 59 -14.80 16.05 33.79
C GLU D 59 -14.88 14.53 33.84
N LEU D 60 -14.29 13.88 32.84
CA LEU D 60 -14.38 12.43 32.74
C LEU D 60 -13.30 11.90 31.81
N THR D 61 -13.10 10.58 31.90
CA THR D 61 -12.33 9.84 30.93
C THR D 61 -13.27 8.83 30.31
N TYR D 62 -13.00 8.46 29.04
CA TYR D 62 -13.94 7.61 28.34
C TYR D 62 -13.17 6.61 27.50
N TYR D 63 -13.86 5.52 27.19
CA TYR D 63 -13.36 4.57 26.25
C TYR D 63 -14.53 4.02 25.50
N CYS D 64 -14.32 3.86 24.19
CA CYS D 64 -15.29 3.21 23.33
C CYS D 64 -14.65 2.15 22.46
N CYS D 65 -15.46 1.17 22.13
CA CYS D 65 -14.98 0.05 21.35
C CYS D 65 -16.18 -0.65 20.72
N LYS D 66 -15.85 -1.55 19.77
CA LYS D 66 -16.85 -2.19 18.95
C LYS D 66 -16.78 -3.73 19.04
N LYS D 67 -16.08 -4.33 20.01
CA LYS D 67 -16.22 -5.76 20.26
C LYS D 67 -17.28 -6.05 21.34
N ASP D 68 -17.94 -7.20 21.28
CA ASP D 68 -18.95 -7.54 22.28
C ASP D 68 -18.40 -7.41 23.70
N LEU D 69 -19.13 -6.68 24.55
CA LEU D 69 -18.90 -6.67 25.98
C LEU D 69 -17.52 -6.12 26.31
N CYS D 70 -17.04 -5.18 25.50
CA CYS D 70 -15.69 -4.67 25.67
C CYS D 70 -15.65 -3.48 26.62
N ASN D 71 -16.80 -2.86 26.91
CA ASN D 71 -16.83 -1.66 27.75
C ASN D 71 -16.91 -2.04 29.24
N PHE D 72 -15.89 -2.78 29.75
CA PHE D 72 -15.79 -3.13 31.15
C PHE D 72 -14.85 -2.15 31.84
N ASN D 73 -14.91 -2.13 33.19
CA ASN D 73 -14.34 -1.05 33.99
C ASN D 73 -12.82 -1.01 33.87
N GLU D 74 -12.15 -2.18 33.80
CA GLU D 74 -10.69 -2.20 33.74
C GLU D 74 -10.15 -1.56 32.46
N GLN D 75 -11.02 -1.18 31.51
CA GLN D 75 -10.54 -0.52 30.32
C GLN D 75 -9.99 0.88 30.60
N LEU D 76 -10.37 1.49 31.74
CA LEU D 76 -9.95 2.86 32.04
C LEU D 76 -8.86 2.93 33.09
N GLU D 77 -7.60 2.68 32.71
CA GLU D 77 -6.58 2.20 33.64
C GLU D 77 -7.20 1.17 34.61
N MET E 1 35.69 21.62 -32.82
CA MET E 1 37.13 21.23 -32.80
C MET E 1 37.28 19.81 -32.29
N LEU E 2 36.33 18.93 -32.65
CA LEU E 2 36.27 17.60 -32.08
C LEU E 2 36.98 16.55 -32.93
N GLN E 3 37.84 15.78 -32.26
CA GLN E 3 38.57 14.67 -32.84
C GLN E 3 37.96 13.33 -32.37
N CYS E 4 37.48 12.51 -33.30
CA CYS E 4 36.97 11.17 -33.00
C CYS E 4 37.75 10.09 -33.77
N TYR E 5 37.76 8.86 -33.23
CA TYR E 5 38.05 7.72 -34.10
C TYR E 5 36.89 7.61 -35.10
N ASN E 6 37.25 7.48 -36.38
CA ASN E 6 36.29 7.49 -37.46
C ASN E 6 36.78 6.61 -38.61
N CYS E 7 36.16 5.43 -38.79
CA CYS E 7 36.52 4.53 -39.87
C CYS E 7 35.36 4.38 -40.83
N PRO E 8 35.54 4.71 -42.12
CA PRO E 8 34.49 4.56 -43.13
C PRO E 8 33.71 3.26 -42.99
N ASN E 9 34.41 2.18 -42.60
CA ASN E 9 33.80 0.86 -42.50
C ASN E 9 34.03 0.24 -41.15
N PRO E 10 33.13 -0.68 -40.73
CA PRO E 10 33.35 -1.41 -39.47
C PRO E 10 34.71 -2.08 -39.46
N THR E 11 35.43 -1.99 -38.35
CA THR E 11 36.74 -2.61 -38.20
C THR E 11 36.89 -3.07 -36.76
N ALA E 12 37.59 -4.19 -36.59
CA ALA E 12 37.85 -4.78 -35.28
C ALA E 12 38.68 -3.80 -34.43
N ASP E 13 39.63 -3.08 -35.06
CA ASP E 13 40.41 -2.10 -34.31
C ASP E 13 40.69 -0.84 -35.13
N CYS E 14 39.76 0.11 -35.07
CA CYS E 14 39.83 1.39 -35.74
C CYS E 14 40.71 2.29 -34.89
N LYS E 15 41.75 2.83 -35.49
CA LYS E 15 42.66 3.72 -34.78
C LYS E 15 42.84 5.00 -35.60
N THR E 16 41.88 5.27 -36.49
CA THR E 16 41.99 6.39 -37.42
C THR E 16 41.39 7.60 -36.74
N ALA E 17 42.20 8.65 -36.48
CA ALA E 17 41.69 9.87 -35.89
C ALA E 17 41.31 10.90 -36.95
N VAL E 18 40.15 11.55 -36.79
CA VAL E 18 39.68 12.50 -37.77
C VAL E 18 39.27 13.77 -37.01
N ASN E 19 39.53 14.93 -37.65
CA ASN E 19 38.95 16.18 -37.21
C ASN E 19 37.51 16.25 -37.75
N CYS E 20 36.54 15.90 -36.91
CA CYS E 20 35.15 15.98 -37.29
C CYS E 20 34.85 17.43 -37.63
N SER E 21 34.04 17.66 -38.68
CA SER E 21 33.61 19.00 -39.01
C SER E 21 32.60 19.46 -37.97
N SER E 22 32.32 20.78 -37.93
CA SER E 22 31.51 21.40 -36.89
C SER E 22 30.07 20.91 -36.92
N ASP E 23 29.61 20.31 -38.02
CA ASP E 23 28.32 19.63 -38.07
C ASP E 23 28.22 18.50 -37.03
N PHE E 24 29.35 17.94 -36.59
CA PHE E 24 29.38 16.84 -35.63
C PHE E 24 29.86 17.35 -34.28
N ASP E 25 29.15 16.95 -33.21
CA ASP E 25 29.52 17.39 -31.85
C ASP E 25 29.87 16.23 -30.94
N ALA E 26 29.88 14.98 -31.44
CA ALA E 26 30.16 13.83 -30.59
C ALA E 26 30.86 12.75 -31.37
N CYS E 27 31.54 11.88 -30.60
CA CYS E 27 32.18 10.67 -31.08
C CYS E 27 31.35 9.47 -30.62
N LEU E 28 30.97 8.59 -31.55
CA LEU E 28 30.24 7.35 -31.27
C LEU E 28 31.10 6.10 -31.32
N ILE E 29 30.78 5.10 -30.51
CA ILE E 29 31.25 3.78 -30.83
C ILE E 29 30.10 2.81 -30.60
N THR E 30 30.03 1.71 -31.38
CA THR E 30 28.95 0.74 -31.21
C THR E 30 29.36 -0.61 -31.76
N LYS E 31 29.03 -1.66 -30.99
CA LYS E 31 29.14 -3.02 -31.43
C LYS E 31 27.76 -3.48 -31.85
N ALA E 32 27.69 -4.10 -33.02
CA ALA E 32 26.50 -4.84 -33.43
C ALA E 32 26.99 -6.23 -33.83
N GLY E 33 26.75 -7.22 -32.97
CA GLY E 33 27.39 -8.51 -33.13
C GLY E 33 28.90 -8.30 -33.13
N LEU E 34 29.60 -8.91 -34.10
CA LEU E 34 31.05 -8.78 -34.19
C LEU E 34 31.46 -7.48 -34.90
N GLN E 35 30.49 -6.74 -35.45
CA GLN E 35 30.81 -5.53 -36.18
C GLN E 35 30.90 -4.32 -35.25
N VAL E 36 31.82 -3.41 -35.55
CA VAL E 36 32.24 -2.36 -34.64
C VAL E 36 32.39 -1.08 -35.44
N TYR E 37 31.69 -0.05 -34.97
CA TYR E 37 31.66 1.18 -35.73
C TYR E 37 32.23 2.26 -34.85
N ASN E 38 32.95 3.19 -35.47
CA ASN E 38 33.50 4.33 -34.77
C ASN E 38 33.33 5.51 -35.69
N LYS E 39 32.65 6.55 -35.25
CA LYS E 39 32.17 7.60 -36.14
C LYS E 39 32.10 8.93 -35.40
N CYS E 40 32.42 9.97 -36.16
CA CYS E 40 31.92 11.33 -35.90
C CYS E 40 30.39 11.25 -35.94
N TRP E 41 29.72 11.97 -35.04
CA TRP E 41 28.29 11.83 -34.86
C TRP E 41 27.71 13.07 -34.22
N LYS E 42 26.37 13.15 -34.23
CA LYS E 42 25.62 14.21 -33.56
C LYS E 42 24.90 13.61 -32.33
N PHE E 43 25.10 14.25 -31.18
CA PHE E 43 24.48 13.89 -29.91
C PHE E 43 22.98 13.74 -30.00
N GLU E 44 22.28 14.68 -30.66
CA GLU E 44 20.85 14.58 -30.92
C GLU E 44 20.53 13.15 -31.38
N HIS E 45 21.35 12.55 -32.26
CA HIS E 45 20.94 11.40 -33.07
C HIS E 45 21.70 10.18 -32.42
N CYS E 46 22.22 10.27 -31.17
CA CYS E 46 22.83 9.12 -30.45
C CYS E 46 21.84 8.35 -29.56
N ASN E 47 21.10 7.39 -30.11
CA ASN E 47 20.14 6.61 -29.37
C ASN E 47 19.84 5.37 -30.18
N PHE E 48 19.16 4.40 -29.60
CA PHE E 48 19.08 3.11 -30.27
C PHE E 48 18.45 3.25 -31.65
N ASN E 49 17.36 4.04 -31.74
CA ASN E 49 16.61 4.20 -32.97
C ASN E 49 17.51 4.86 -34.02
N ASP E 50 18.13 6.00 -33.69
CA ASP E 50 18.87 6.77 -34.68
C ASP E 50 20.08 5.96 -35.15
N VAL E 51 20.79 5.29 -34.22
CA VAL E 51 22.00 4.53 -34.54
C VAL E 51 21.67 3.30 -35.37
N THR E 52 20.65 2.53 -34.97
CA THR E 52 20.28 1.33 -35.71
C THR E 52 19.88 1.70 -37.14
N THR E 53 18.97 2.68 -37.31
CA THR E 53 18.54 2.98 -38.67
C THR E 53 19.72 3.51 -39.49
N ARG E 54 20.56 4.43 -38.95
CA ARG E 54 21.56 5.09 -39.76
C ARG E 54 22.65 4.09 -40.19
N LEU E 55 22.89 3.02 -39.41
CA LEU E 55 23.90 2.04 -39.76
C LEU E 55 23.27 0.73 -40.28
N ARG E 56 21.95 0.67 -40.42
CA ARG E 56 21.27 -0.53 -40.91
C ARG E 56 21.65 -1.75 -40.08
N GLU E 57 21.33 -1.68 -38.78
CA GLU E 57 21.67 -2.73 -37.85
C GLU E 57 20.53 -2.97 -36.87
N ASN E 58 20.28 -4.25 -36.56
CA ASN E 58 19.11 -4.60 -35.77
C ASN E 58 19.36 -4.58 -34.27
N GLU E 59 20.57 -5.00 -33.83
CA GLU E 59 20.88 -5.21 -32.43
C GLU E 59 22.28 -4.65 -32.14
N LEU E 60 22.36 -3.66 -31.25
CA LEU E 60 23.66 -3.09 -30.93
C LEU E 60 23.65 -2.40 -29.58
N THR E 61 24.85 -2.15 -29.09
CA THR E 61 25.11 -1.32 -27.93
C THR E 61 25.90 -0.13 -28.42
N TYR E 62 25.66 1.06 -27.86
CA TYR E 62 26.37 2.23 -28.34
C TYR E 62 26.80 3.10 -27.19
N TYR E 63 27.85 3.88 -27.46
CA TYR E 63 28.28 4.86 -26.50
C TYR E 63 28.73 6.10 -27.25
N CYS E 64 28.42 7.28 -26.71
CA CYS E 64 28.80 8.54 -27.27
C CYS E 64 29.31 9.49 -26.20
N CYS E 65 30.14 10.42 -26.63
CA CYS E 65 30.84 11.30 -25.72
C CYS E 65 31.46 12.42 -26.57
N LYS E 66 31.92 13.47 -25.88
CA LYS E 66 32.29 14.73 -26.48
C LYS E 66 33.73 15.14 -26.13
N LYS E 67 34.61 14.23 -25.69
CA LYS E 67 35.88 14.64 -25.07
C LYS E 67 37.10 14.64 -26.02
N ASP E 68 37.07 13.86 -27.10
CA ASP E 68 38.19 13.87 -28.04
C ASP E 68 38.87 12.50 -27.95
N LEU E 69 38.69 11.71 -29.00
CA LEU E 69 39.24 10.38 -29.09
C LEU E 69 38.74 9.50 -27.94
N CYS E 70 37.55 9.78 -27.44
CA CYS E 70 36.96 9.05 -26.34
C CYS E 70 36.22 7.83 -26.83
N ASN E 71 35.90 7.74 -28.14
CA ASN E 71 35.14 6.62 -28.67
C ASN E 71 36.03 5.44 -29.01
N PHE E 72 36.82 4.92 -28.05
CA PHE E 72 37.62 3.71 -28.23
C PHE E 72 36.84 2.46 -27.74
N ASN E 73 37.29 1.27 -28.16
CA ASN E 73 36.50 0.04 -28.06
C ASN E 73 36.23 -0.37 -26.62
N GLU E 74 37.20 -0.14 -25.73
CA GLU E 74 37.08 -0.48 -24.32
C GLU E 74 35.98 0.33 -23.63
N GLN E 75 35.36 1.29 -24.29
CA GLN E 75 34.21 1.98 -23.72
C GLN E 75 32.97 1.12 -23.68
N LEU E 76 32.98 -0.06 -24.28
CA LEU E 76 31.85 -0.99 -24.12
C LEU E 76 32.26 -2.19 -23.24
N MET F 1 1.88 29.57 20.28
CA MET F 1 2.84 29.04 21.27
C MET F 1 2.63 27.56 21.54
N LEU F 2 1.93 26.79 20.67
CA LEU F 2 1.99 25.33 20.75
C LEU F 2 3.10 24.77 19.86
N GLN F 3 3.96 23.96 20.50
CA GLN F 3 5.13 23.36 19.88
C GLN F 3 4.91 21.87 19.64
N CYS F 4 4.94 21.42 18.39
CA CYS F 4 4.76 20.02 18.05
C CYS F 4 5.94 19.51 17.26
N TYR F 5 6.22 18.20 17.36
CA TYR F 5 7.02 17.55 16.33
C TYR F 5 6.16 17.60 15.06
N ASN F 6 6.78 18.01 13.96
CA ASN F 6 6.08 18.25 12.72
C ASN F 6 7.02 18.00 11.55
N CYS F 7 6.87 16.87 10.87
CA CYS F 7 7.73 16.51 9.75
C CYS F 7 6.91 16.51 8.46
N PRO F 8 7.31 17.31 7.46
CA PRO F 8 6.59 17.38 6.20
C PRO F 8 6.22 16.02 5.63
N ASN F 9 7.08 15.02 5.82
CA ASN F 9 6.81 13.66 5.41
C ASN F 9 6.96 12.65 6.52
N PRO F 10 6.28 11.49 6.43
CA PRO F 10 6.44 10.41 7.40
C PRO F 10 7.91 10.09 7.59
N THR F 11 8.34 9.93 8.86
CA THR F 11 9.71 9.54 9.15
C THR F 11 9.71 8.62 10.36
N ALA F 12 10.63 7.66 10.34
CA ALA F 12 10.76 6.68 11.41
C ALA F 12 11.09 7.39 12.73
N ASP F 13 11.90 8.46 12.69
CA ASP F 13 12.13 9.26 13.88
C ASP F 13 12.26 10.74 13.51
N CYS F 14 11.11 11.43 13.58
CA CYS F 14 10.99 12.86 13.36
C CYS F 14 11.60 13.61 14.53
N LYS F 15 12.53 14.53 14.20
CA LYS F 15 13.18 15.32 15.21
C LYS F 15 13.00 16.82 14.93
N THR F 16 12.05 17.17 14.06
CA THR F 16 11.78 18.57 13.78
C THR F 16 10.74 19.10 14.76
N ALA F 17 11.11 20.04 15.63
CA ALA F 17 10.13 20.73 16.47
C ALA F 17 9.77 22.08 15.87
N VAL F 18 8.48 22.42 15.84
CA VAL F 18 8.08 23.72 15.30
C VAL F 18 7.15 24.43 16.29
N ASN F 19 7.09 25.77 16.21
CA ASN F 19 5.93 26.52 16.69
C ASN F 19 4.81 26.38 15.65
N CYS F 20 3.82 25.52 15.94
CA CYS F 20 2.61 25.49 15.16
C CYS F 20 1.96 26.87 15.19
N SER F 21 1.42 27.30 14.05
CA SER F 21 0.66 28.56 14.03
C SER F 21 -0.64 28.37 14.82
N SER F 22 -1.27 29.50 15.19
CA SER F 22 -2.35 29.48 16.17
C SER F 22 -3.61 28.82 15.58
N ASP F 23 -3.68 28.65 14.25
CA ASP F 23 -4.74 27.87 13.62
C ASP F 23 -4.70 26.40 14.08
N PHE F 24 -3.60 25.89 14.65
CA PHE F 24 -3.51 24.51 15.13
C PHE F 24 -3.51 24.50 16.65
N ASP F 25 -4.31 23.60 17.26
CA ASP F 25 -4.46 23.58 18.70
C ASP F 25 -3.98 22.27 19.31
N ALA F 26 -3.46 21.32 18.50
CA ALA F 26 -3.00 20.06 19.04
C ALA F 26 -1.83 19.53 18.25
N CYS F 27 -1.09 18.61 18.89
CA CYS F 27 -0.04 17.84 18.27
C CYS F 27 -0.54 16.40 18.06
N LEU F 28 -0.40 15.88 16.83
CA LEU F 28 -0.75 14.51 16.49
C LEU F 28 0.46 13.58 16.36
N ILE F 29 0.30 12.32 16.75
CA ILE F 29 1.21 11.34 16.20
C ILE F 29 0.39 10.14 15.78
N THR F 30 0.77 9.50 14.67
CA THR F 30 0.04 8.30 14.25
C THR F 30 0.97 7.36 13.51
N LYS F 31 0.81 6.08 13.84
CA LYS F 31 1.45 4.99 13.10
C LYS F 31 0.42 4.43 12.16
N ALA F 32 0.78 4.39 10.89
CA ALA F 32 -0.08 3.87 9.85
C ALA F 32 0.73 2.83 9.10
N GLY F 33 0.51 1.55 9.40
CA GLY F 33 1.40 0.51 8.94
C GLY F 33 2.81 0.85 9.43
N LEU F 34 3.80 0.80 8.55
CA LEU F 34 5.18 1.06 8.93
C LEU F 34 5.48 2.57 8.97
N GLN F 35 4.54 3.39 8.53
CA GLN F 35 4.73 4.81 8.41
C GLN F 35 4.36 5.49 9.74
N VAL F 36 5.07 6.58 10.04
CA VAL F 36 4.83 7.40 11.23
C VAL F 36 4.68 8.88 10.88
N TYR F 37 3.68 9.49 11.39
CA TYR F 37 3.40 10.87 11.08
C TYR F 37 3.44 11.65 12.37
N ASN F 38 3.96 12.88 12.27
CA ASN F 38 3.98 13.78 13.39
C ASN F 38 3.61 15.14 12.86
N LYS F 39 2.55 15.74 13.39
CA LYS F 39 1.99 16.92 12.75
C LYS F 39 1.36 17.84 13.79
N CYS F 40 1.47 19.14 13.51
CA CYS F 40 0.53 20.14 14.00
C CYS F 40 -0.85 19.74 13.49
N TRP F 41 -1.87 19.88 14.35
CA TRP F 41 -3.19 19.36 14.02
C TRP F 41 -4.26 20.14 14.77
N LYS F 42 -5.52 19.90 14.35
CA LYS F 42 -6.70 20.42 15.01
C LYS F 42 -7.43 19.28 15.73
N PHE F 43 -7.64 19.45 17.04
CA PHE F 43 -8.38 18.52 17.87
C PHE F 43 -9.74 18.16 17.30
N GLU F 44 -10.52 19.12 16.77
CA GLU F 44 -11.80 18.80 16.14
C GLU F 44 -11.61 17.61 15.21
N HIS F 45 -10.49 17.56 14.45
CA HIS F 45 -10.39 16.69 13.30
C HIS F 45 -9.46 15.51 13.76
N CYS F 46 -9.26 15.24 15.08
CA CYS F 46 -8.47 14.08 15.58
C CYS F 46 -9.35 12.84 15.87
N ASN F 47 -9.61 12.01 14.86
CA ASN F 47 -10.41 10.81 15.01
C ASN F 47 -10.13 9.94 13.80
N PHE F 48 -10.58 8.69 13.83
CA PHE F 48 -10.10 7.77 12.81
C PHE F 48 -10.44 8.28 11.40
N ASN F 49 -11.68 8.77 11.23
CA ASN F 49 -12.18 9.20 9.93
C ASN F 49 -11.36 10.41 9.45
N ASP F 50 -11.24 11.44 10.28
CA ASP F 50 -10.62 12.68 9.84
C ASP F 50 -9.13 12.41 9.57
N VAL F 51 -8.43 11.64 10.42
CA VAL F 51 -7.00 11.40 10.29
C VAL F 51 -6.72 10.54 9.07
N THR F 52 -7.49 9.43 8.88
CA THR F 52 -7.26 8.58 7.73
C THR F 52 -7.47 9.38 6.43
N THR F 53 -8.60 10.09 6.28
CA THR F 53 -8.81 10.79 5.02
C THR F 53 -7.75 11.89 4.84
N ARG F 54 -7.42 12.68 5.87
CA ARG F 54 -6.53 13.83 5.71
C ARG F 54 -5.10 13.39 5.38
N LEU F 55 -4.69 12.18 5.76
CA LEU F 55 -3.36 11.70 5.42
C LEU F 55 -3.39 10.62 4.34
N ARG F 56 -4.56 10.28 3.80
CA ARG F 56 -4.67 9.23 2.78
C ARG F 56 -4.06 7.93 3.29
N GLU F 57 -4.64 7.41 4.37
CA GLU F 57 -4.17 6.23 5.04
C GLU F 57 -5.34 5.34 5.47
N ASN F 58 -5.10 4.04 5.36
CA ASN F 58 -6.00 2.91 5.37
C ASN F 58 -6.32 2.53 6.86
N GLU F 59 -5.22 2.33 7.62
CA GLU F 59 -5.22 1.65 8.91
C GLU F 59 -4.18 2.33 9.81
N LEU F 60 -4.60 2.84 10.97
CA LEU F 60 -3.68 3.54 11.83
C LEU F 60 -4.19 3.65 13.26
N THR F 61 -3.27 3.97 14.17
CA THR F 61 -3.60 4.35 15.52
C THR F 61 -3.06 5.77 15.68
N TYR F 62 -3.74 6.57 16.52
CA TYR F 62 -3.36 7.96 16.62
C TYR F 62 -3.43 8.38 18.07
N TYR F 63 -2.63 9.40 18.35
CA TYR F 63 -2.68 10.05 19.63
C TYR F 63 -2.58 11.54 19.42
N CYS F 64 -3.40 12.26 20.16
CA CYS F 64 -3.31 13.71 20.17
C CYS F 64 -3.30 14.29 21.57
N CYS F 65 -2.61 15.41 21.68
CA CYS F 65 -2.46 16.08 22.95
C CYS F 65 -2.19 17.56 22.70
N LYS F 66 -2.15 18.33 23.80
CA LYS F 66 -1.97 19.77 23.74
C LYS F 66 -0.81 20.29 24.58
N LYS F 67 0.20 19.47 24.88
CA LYS F 67 1.14 19.78 25.97
C LYS F 67 2.46 20.44 25.53
N ASP F 68 2.89 20.21 24.29
CA ASP F 68 4.10 20.86 23.79
C ASP F 68 5.16 19.75 23.66
N LEU F 69 5.44 19.39 22.41
CA LEU F 69 6.37 18.33 22.08
C LEU F 69 5.91 17.01 22.70
N CYS F 70 4.59 16.84 22.85
CA CYS F 70 4.05 15.66 23.48
C CYS F 70 3.82 14.56 22.44
N ASN F 71 3.83 14.89 21.13
CA ASN F 71 3.54 13.94 20.09
C ASN F 71 4.81 13.19 19.69
N PHE F 72 5.47 12.49 20.63
CA PHE F 72 6.65 11.67 20.36
C PHE F 72 6.20 10.21 20.20
N ASN F 73 7.09 9.38 19.60
CA ASN F 73 6.73 8.08 19.07
C ASN F 73 6.31 7.11 20.18
N GLU F 74 6.97 7.18 21.35
CA GLU F 74 6.67 6.31 22.47
C GLU F 74 5.29 6.55 23.04
N GLN F 75 4.55 7.55 22.57
CA GLN F 75 3.17 7.70 23.00
C GLN F 75 2.24 6.59 22.52
N LEU F 76 2.61 5.92 21.42
CA LEU F 76 1.73 4.94 20.82
C LEU F 76 2.12 3.50 21.09
N GLU F 77 3.37 3.21 21.49
CA GLU F 77 3.66 1.86 21.96
C GLU F 77 2.99 0.82 21.01
C ACE G 1 28.85 14.47 -16.97
O ACE G 1 28.55 15.57 -16.50
CH3 ACE G 1 28.59 13.21 -16.17
H1 ACE G 1 29.10 12.48 -16.54
H2 ACE G 1 28.88 13.34 -15.26
N TYR G 2 29.39 14.33 -18.21
CA TYR G 2 29.52 15.36 -19.25
C TYR G 2 29.18 14.95 -20.71
N SER G 3 30.17 14.21 -21.19
CA SER G 3 30.07 13.50 -22.45
C SER G 3 28.96 12.47 -22.27
N TRP G 4 29.35 11.23 -21.90
CA TRP G 4 28.44 10.12 -21.69
C TRP G 4 26.97 10.26 -22.14
N THR G 5 26.66 9.32 -23.04
CA THR G 5 25.38 8.57 -23.07
C THR G 5 25.65 7.12 -23.50
N TRP G 6 24.98 6.11 -22.90
CA TRP G 6 25.39 4.72 -23.16
C TRP G 6 24.16 3.89 -23.42
N GLY G 7 24.15 2.85 -24.19
CA GLY G 7 22.87 2.17 -24.40
C GLY G 7 22.90 0.90 -25.26
N ASN G 8 21.69 0.30 -25.33
CA ASN G 8 21.32 -0.97 -25.95
C ASN G 8 19.80 -1.02 -26.28
N DAR G 9 19.28 -2.20 -26.63
CA DAR G 9 17.91 -2.64 -26.29
CB DAR G 9 16.92 -2.01 -27.29
CG DAR G 9 16.14 -3.01 -28.21
CD DAR G 9 16.68 -4.43 -28.37
NE DAR G 9 18.08 -4.37 -28.81
CZ DAR G 9 18.96 -5.35 -29.12
NH1 DAR G 9 20.22 -5.02 -29.31
NH2 DAR G 9 18.60 -6.63 -29.22
C DAR G 9 17.38 -2.67 -24.82
O DAR G 9 16.89 -3.72 -24.35
H DAR G 9 19.83 -2.78 -26.96
HA DAR G 9 17.92 -3.61 -26.53
HB2 DAR G 9 16.26 -1.49 -26.78
HB3 DAR G 9 17.41 -1.38 -27.86
HG2 DAR G 9 15.22 -3.08 -27.86
HG3 DAR G 9 16.06 -2.62 -29.10
HD2 DAR G 9 16.62 -4.91 -27.52
HD3 DAR G 9 16.14 -4.90 -29.03
HE DAR G 9 18.42 -3.57 -28.86
HH11 DAR G 9 20.82 -5.64 -29.50
HH12 DAR G 9 20.47 -4.18 -29.23
HH21 DAR G 9 19.22 -7.24 -29.39
HH22 DAR G 9 17.76 -6.86 -29.11
N DSN G 10 17.47 -1.60 -24.00
CA DSN G 10 17.05 -1.63 -22.61
C DSN G 10 17.73 -0.57 -21.71
O DSN G 10 18.68 -0.82 -20.89
CB DSN G 10 15.58 -1.45 -22.80
OG DSN G 10 15.54 -1.76 -24.21
H DSN G 10 17.78 -0.85 -24.33
HA DSN G 10 17.24 -2.54 -22.24
HB2 DSN G 10 15.06 -2.11 -22.29
HB3 DSN G 10 15.29 -0.53 -22.63
HG DSN G 10 14.84 -1.64 -24.43
N DSN G 11 17.35 0.65 -22.02
CA DSN G 11 18.35 1.65 -22.27
C DSN G 11 19.34 2.28 -21.31
O DSN G 11 20.12 1.58 -20.63
CB DSN G 11 19.33 1.06 -23.27
OG DSN G 11 20.31 2.03 -23.60
H DSN G 11 16.53 0.83 -22.28
HA DSN G 11 17.87 2.40 -22.73
HB2 DSN G 11 19.76 0.27 -22.88
HB3 DSN G 11 18.84 0.79 -24.07
HG DSN G 11 20.76 1.77 -24.41
N VAL G 12 19.44 3.60 -21.50
CA VAL G 12 20.57 4.51 -21.43
C VAL G 12 20.45 5.02 -20.02
N DAR G 13 21.46 5.55 -19.33
CA DAR G 13 22.87 5.45 -19.47
CB DAR G 13 23.58 4.74 -18.28
CG DAR G 13 23.74 5.43 -16.87
CD DAR G 13 25.03 6.30 -16.59
NE DAR G 13 25.71 6.58 -17.88
CZ DAR G 13 26.75 7.38 -18.21
NH1 DAR G 13 27.29 7.31 -19.44
NH2 DAR G 13 27.28 8.26 -17.38
C DAR G 13 23.10 6.89 -19.93
O DAR G 13 23.61 7.04 -21.03
H DAR G 13 21.16 5.96 -18.61
HA DAR G 13 23.04 4.88 -20.26
HB2 DAR G 13 23.11 3.90 -18.13
HB3 DAR G 13 24.48 4.50 -18.58
HG2 DAR G 13 22.95 6.00 -16.73
HG3 DAR G 13 23.70 4.73 -16.20
HD2 DAR G 13 24.77 7.15 -16.17
HD3 DAR G 13 25.64 5.83 -15.99
HE DAR G 13 25.42 6.11 -18.55
HH11 DAR G 13 27.93 7.84 -19.68
HH12 DAR G 13 26.97 6.73 -20.02
HH21 DAR G 13 27.95 8.78 -17.63
HH22 DAR G 13 26.95 8.33 -16.56
N GLY G 14 22.84 7.91 -19.12
CA GLY G 14 23.66 9.14 -19.33
C GLY G 14 23.55 10.14 -18.17
N DCY G 15 24.32 11.26 -18.00
CA DCY G 15 25.50 11.89 -18.57
C DCY G 15 25.52 13.40 -18.83
O DCY G 15 26.35 13.86 -19.61
CB DCY G 15 26.68 11.65 -17.62
SG DCY G 15 26.81 12.71 -16.15
H DCY G 15 24.04 11.72 -17.32
HA DCY G 15 25.69 11.43 -19.42
HB2 DCY G 15 27.51 11.75 -18.13
HB3 DCY G 15 26.64 10.71 -17.31
N NH2 G 16 24.71 14.20 -18.15
HN1 NH2 G 16 24.11 13.87 -17.58
HN2 NH2 G 16 24.76 15.07 -18.27
C ACE H 1 -8.31 -26.84 -2.00
O ACE H 1 -7.59 -27.31 -1.13
CH3 ACE H 1 -7.81 -25.65 -2.80
H1 ACE H 1 -6.97 -25.87 -3.20
H2 ACE H 1 -8.44 -25.41 -3.47
N TYR H 2 -9.56 -27.31 -2.23
CA TYR H 2 -10.60 -27.02 -3.21
C TYR H 2 -11.95 -26.56 -2.60
N SER H 3 -12.72 -25.83 -3.41
CA SER H 3 -13.43 -24.62 -3.01
C SER H 3 -13.99 -24.44 -1.60
N TRP H 4 -13.21 -23.70 -0.81
CA TRP H 4 -13.66 -23.13 0.46
C TRP H 4 -13.20 -21.69 0.58
N THR H 5 -13.93 -20.83 1.30
CA THR H 5 -13.42 -19.50 1.68
C THR H 5 -13.40 -19.20 3.20
N TRP H 6 -12.32 -18.54 3.67
CA TRP H 6 -12.26 -18.08 5.05
C TRP H 6 -11.92 -16.63 5.10
N GLY H 7 -12.49 -15.87 6.06
CA GLY H 7 -12.12 -14.47 6.15
C GLY H 7 -12.67 -13.61 7.29
N ASN H 8 -12.10 -12.39 7.32
CA ASN H 8 -12.44 -11.34 8.27
C ASN H 8 -12.97 -9.94 8.04
N DAR H 9 -12.44 -9.15 7.10
CA DAR H 9 -12.10 -7.86 7.73
CB DAR H 9 -13.11 -7.07 8.57
CG DAR H 9 -12.52 -5.67 8.94
CD DAR H 9 -13.02 -4.76 10.06
NE DAR H 9 -14.26 -4.01 9.81
CZ DAR H 9 -14.61 -3.30 8.71
NH1 DAR H 9 -13.76 -3.06 7.71
NH2 DAR H 9 -15.85 -2.83 8.64
C DAR H 9 -11.33 -7.04 6.69
O DAR H 9 -11.91 -6.26 5.88
H DAR H 9 -12.13 -9.38 6.33
HA DAR H 9 -11.40 -8.11 8.39
HB2 DAR H 9 -13.94 -6.93 8.06
HB3 DAR H 9 -13.33 -7.54 9.40
HG2 DAR H 9 -11.56 -5.82 9.12
HG3 DAR H 9 -12.52 -5.14 8.12
HD2 DAR H 9 -13.15 -5.31 10.85
HD3 DAR H 9 -12.30 -4.12 10.26
HE DAR H 9 -14.86 -4.05 10.43
HH11 DAR H 9 -14.04 -2.61 7.00
HH12 DAR H 9 -12.92 -3.33 7.74
HH21 DAR H 9 -16.09 -2.37 7.92
HH22 DAR H 9 -16.42 -2.99 9.29
N DSN H 10 -10.00 -7.24 6.68
CA DSN H 10 -9.26 -8.32 7.34
C DSN H 10 -8.05 -8.75 6.49
O DSN H 10 -7.10 -7.97 6.38
CB DSN H 10 -8.82 -7.76 8.68
OG DSN H 10 -8.54 -6.54 8.04
H DSN H 10 -9.52 -6.71 6.19
HA DSN H 10 -9.87 -9.10 7.46
HB2 DSN H 10 -9.56 -7.68 9.33
HB3 DSN H 10 -8.01 -8.19 9.03
HG DSN H 10 -8.23 -5.99 8.65
N DSN H 11 -7.99 -9.93 5.87
CA DSN H 11 -8.49 -11.25 6.09
C DSN H 11 -9.33 -11.86 4.95
O DSN H 11 -10.52 -11.69 5.00
CB DSN H 11 -7.18 -11.94 6.49
OG DSN H 11 -7.10 -12.21 7.90
H DSN H 11 -7.40 -9.92 5.23
HA DSN H 11 -9.07 -11.21 6.89
HB2 DSN H 11 -7.09 -12.79 6.00
HB3 DSN H 11 -6.41 -11.38 6.24
HG DSN H 11 -6.42 -12.71 8.09
N VAL H 12 -8.75 -12.58 3.97
CA VAL H 12 -9.39 -13.54 3.05
C VAL H 12 -8.42 -14.70 2.75
N DAR H 13 -8.92 -15.94 2.68
CA DAR H 13 -8.33 -17.25 2.92
CB DAR H 13 -6.83 -17.49 3.07
CG DAR H 13 -6.65 -18.77 3.92
CD DAR H 13 -5.23 -19.40 4.00
NE DAR H 13 -4.98 -20.58 3.14
CZ DAR H 13 -4.09 -21.59 3.36
NH1 DAR H 13 -3.92 -22.55 2.46
NH2 DAR H 13 -3.37 -21.68 4.48
C DAR H 13 -9.09 -18.08 1.89
O DAR H 13 -10.32 -18.18 2.05
H DAR H 13 -9.79 -15.92 2.59
HA DAR H 13 -8.71 -17.53 3.80
HB2 DAR H 13 -6.42 -17.62 2.19
HB3 DAR H 13 -6.42 -16.74 3.51
HG2 DAR H 13 -6.94 -18.57 4.83
HG3 DAR H 13 -7.26 -19.46 3.59
HD2 DAR H 13 -4.58 -18.71 3.78
HD3 DAR H 13 -5.08 -19.65 4.93
HE DAR H 13 -5.42 -20.63 2.40
HH11 DAR H 13 -3.35 -23.21 2.61
HH12 DAR H 13 -4.39 -22.53 1.71
HH21 DAR H 13 -2.81 -22.35 4.59
HH22 DAR H 13 -3.44 -21.07 5.11
N GLY H 14 -8.43 -18.61 0.85
CA GLY H 14 -9.25 -19.30 -0.14
C GLY H 14 -8.62 -20.32 -1.07
N DCY H 15 -9.53 -21.22 -1.54
CA DCY H 15 -9.57 -22.45 -2.31
C DCY H 15 -10.56 -22.36 -3.49
O DCY H 15 -11.54 -21.64 -3.39
CB DCY H 15 -8.18 -22.88 -2.74
SG DCY H 15 -7.54 -24.21 -1.70
H DCY H 15 -10.34 -21.02 -1.28
HA DCY H 15 -9.93 -23.15 -1.71
HB2 DCY H 15 -7.57 -22.12 -2.68
HB3 DCY H 15 -8.20 -23.18 -3.67
N NH2 H 16 -10.33 -23.11 -4.56
HN1 NH2 H 16 -9.65 -23.66 -4.62
HN2 NH2 H 16 -10.90 -23.05 -5.25
C ACE I 1 -8.19 15.94 30.50
O ACE I 1 -7.34 15.27 31.16
CH3 ACE I 1 -9.51 15.35 30.02
H1 ACE I 1 -9.79 14.66 30.63
H2 ACE I 1 -10.18 16.03 30.01
N TYR I 2 -8.01 17.22 30.16
CA TYR I 2 -6.75 17.94 30.09
C TYR I 2 -6.11 17.24 28.86
N SER I 3 -6.74 17.60 27.72
CA SER I 3 -7.23 16.66 26.73
C SER I 3 -6.15 15.85 26.07
N TRP I 4 -6.59 14.82 25.34
CA TRP I 4 -5.73 13.71 24.96
C TRP I 4 -6.83 12.87 24.36
N THR I 5 -6.56 12.24 23.21
CA THR I 5 -7.24 11.13 22.55
C THR I 5 -6.23 10.16 21.96
N TRP I 6 -6.59 8.88 22.01
CA TRP I 6 -5.75 7.86 21.42
C TRP I 6 -6.88 7.05 20.83
N GLY I 7 -6.59 6.42 19.71
CA GLY I 7 -7.61 5.62 19.05
C GLY I 7 -7.10 4.94 17.80
N ASN I 8 -8.08 4.21 17.21
CA ASN I 8 -8.01 3.18 16.19
C ASN I 8 -9.22 2.95 15.30
N DAR I 9 -9.11 2.02 14.35
CA DAR I 9 -10.18 1.04 14.22
CB DAR I 9 -10.24 0.58 12.76
CG DAR I 9 -11.21 -0.55 12.45
CD DAR I 9 -11.88 -0.33 11.11
NE DAR I 9 -10.84 -0.07 10.11
CZ DAR I 9 -11.02 0.63 8.99
NH1 DAR I 9 -12.24 1.02 8.64
NH2 DAR I 9 -9.95 0.94 8.25
C DAR I 9 -11.63 1.31 14.67
O DAR I 9 -12.30 2.21 14.12
H DAR I 9 -8.35 1.89 13.94
HA DAR I 9 -9.88 0.26 14.75
HB2 DAR I 9 -10.48 1.36 12.21
HB3 DAR I 9 -9.34 0.29 12.49
HG2 DAR I 9 -10.73 -1.40 12.43
HG3 DAR I 9 -11.89 -0.60 13.15
HD2 DAR I 9 -12.40 -1.12 10.86
HD3 DAR I 9 -12.48 0.44 11.18
HE DAR I 9 -10.04 -0.37 10.27
HH11 DAR I 9 -12.34 1.50 7.89
HH12 DAR I 9 -12.94 0.81 9.12
HH21 DAR I 9 -10.05 1.41 7.51
HH22 DAR I 9 -9.15 0.69 8.50
N DSN I 10 -12.17 0.53 15.63
CA DSN I 10 -11.52 -0.07 16.80
C DSN I 10 -12.41 0.26 18.03
O DSN I 10 -13.51 -0.29 18.09
CB DSN I 10 -11.30 -1.56 16.58
OG DSN I 10 -9.91 -1.89 16.33
H DSN I 10 -13.03 0.50 15.65
HA DSN I 10 -10.64 0.38 16.92
HB2 DSN I 10 -11.60 -2.05 17.37
HB3 DSN I 10 -11.84 -1.87 15.83
HG DSN I 10 -9.85 -2.74 16.17
N DSN I 11 -12.05 1.12 18.99
CA DSN I 11 -10.83 1.74 19.43
C DSN I 11 -10.84 3.26 19.66
O DSN I 11 -10.20 3.95 18.82
CB DSN I 11 -10.31 0.96 20.62
OG DSN I 11 -8.95 0.56 20.43
H DSN I 11 -12.70 1.30 19.54
HA DSN I 11 -10.19 1.59 18.68
HB2 DSN I 11 -10.38 1.51 21.43
HB3 DSN I 11 -10.87 0.15 20.75
HG DSN I 11 -8.86 0.04 21.09
N VAL I 12 -11.50 3.81 20.72
CA VAL I 12 -11.18 5.19 21.10
C VAL I 12 -11.19 5.48 22.60
N DAR I 13 -10.14 6.17 23.07
CA DAR I 13 -9.42 6.36 24.32
CB DAR I 13 -9.72 5.42 25.47
CG DAR I 13 -8.44 4.90 26.16
CD DAR I 13 -8.53 5.00 27.70
NE DAR I 13 -8.18 6.39 28.03
CZ DAR I 13 -7.75 6.91 29.17
NH1 DAR I 13 -7.28 8.16 29.12
NH2 DAR I 13 -7.75 6.19 30.30
C DAR I 13 -9.37 7.84 24.68
O DAR I 13 -8.74 8.60 23.92
H DAR I 13 -9.77 6.54 22.37
HA DAR I 13 -8.47 6.15 24.08
HB2 DAR I 13 -10.27 5.87 26.13
HB3 DAR I 13 -10.22 4.66 25.13
HG2 DAR I 13 -8.30 3.97 25.91
HG3 DAR I 13 -7.66 5.42 25.86
HD2 DAR I 13 -9.43 4.80 28.02
HD3 DAR I 13 -7.89 4.40 28.14
HE DAR I 13 -8.22 6.96 27.36
HH11 DAR I 13 -6.96 8.52 29.86
HH12 DAR I 13 -7.35 8.63 28.38
HH21 DAR I 13 -7.45 6.56 31.06
HH22 DAR I 13 -8.06 5.36 30.31
N GLY I 14 -9.97 8.29 25.78
CA GLY I 14 -9.79 9.72 25.97
C GLY I 14 -10.18 10.31 27.29
N DCY I 15 -9.40 11.33 27.64
CA DCY I 15 -9.65 11.98 28.90
C DCY I 15 -8.44 12.38 29.75
O DCY I 15 -8.55 12.55 30.99
CB DCY I 15 -10.48 13.21 28.57
SG DCY I 15 -9.39 14.63 28.34
H DCY I 15 -8.77 11.60 27.11
HA DCY I 15 -10.19 11.37 29.45
HB2 DCY I 15 -11.10 13.39 29.29
HB3 DCY I 15 -10.98 13.06 27.74
N NH2 I 16 -7.28 12.60 29.12
HN1 NH2 I 16 -7.23 12.49 28.24
HN2 NH2 I 16 -6.57 12.84 29.58
ZN ZN J . -23.80 -9.04 16.21
ZN ZN K . -0.21 4.14 4.36
#